data_8DHD
#
_entry.id   8DHD
#
_cell.length_a   35.915
_cell.length_b   56.340
_cell.length_c   90.001
_cell.angle_alpha   90.000
_cell.angle_beta   94.250
_cell.angle_gamma   90.000
#
_symmetry.space_group_name_H-M   'P 1 21 1'
#
loop_
_entity.id
_entity.type
_entity.pdbx_description
1 polymer 'maltose-binding protein MalE2'
2 branched alpha-D-glucopyranose-(1-4)-alpha-D-glucopyranose-(1-4)-alpha-D-glucopyranose-(1-4)-alpha-D-glucopyranose
3 water water
#
_entity_poly.entity_id   1
_entity_poly.type   'polypeptide(L)'
_entity_poly.pdbx_seq_one_letter_code
;MQTKLTIWCSEKQVDILQKLGEEFKAKYGIPVEVQYVDFGSIKSKFLTAAPQGQGADIIVGAHDWVGELAVNGLIEPIPN
FSDLKNFYDTALKAFSYGGKLYGVPYAMEAVALIYNKDYVDSVPKTMDELIEKAKQIDEEYGGEVRGFIYDVANFYFSAP
FILGYGGYVFKETPQGLDVTDIGLANEGAVKGAKLIKRMIDEGVLTPGDNYGTMDSMFKEGLAAMIINGLWAIKSYKDAG
INYGVAPIPELEPGVPAKPFVGVQGFMINAKSPNKVIAMEFLTNFIARKETMYKIYLADPRLPARKDVLELVKDNPDVVA
FTQSASMGTPMPNVPEMAPVWSAMGDALSIIINGQASVEDALKEAVEKIKAQIEKGSHHHHHH
;
_entity_poly.pdbx_strand_id   A
#
loop_
_chem_comp.id
_chem_comp.type
_chem_comp.name
_chem_comp.formula
GLC D-saccharide, alpha linking alpha-D-glucopyranose 'C6 H12 O6'
#
# COMPACT_ATOMS: atom_id res chain seq x y z
N THR A 3 -27.56 -17.93 -5.43
CA THR A 3 -26.39 -18.60 -4.83
C THR A 3 -25.22 -18.33 -5.79
N LYS A 4 -24.59 -17.18 -5.62
CA LYS A 4 -23.47 -16.72 -6.45
C LYS A 4 -22.58 -15.93 -5.50
N LEU A 5 -21.27 -16.05 -5.65
CA LEU A 5 -20.39 -15.20 -4.89
C LEU A 5 -19.89 -14.06 -5.77
N THR A 6 -19.87 -12.86 -5.23
CA THR A 6 -19.37 -11.71 -5.95
C THR A 6 -18.20 -11.13 -5.19
N ILE A 7 -17.18 -10.72 -5.94
CA ILE A 7 -15.93 -10.22 -5.38
C ILE A 7 -15.65 -8.88 -6.01
N TRP A 8 -15.32 -7.86 -5.21
CA TRP A 8 -14.74 -6.62 -5.71
C TRP A 8 -13.22 -6.60 -5.50
N CYS A 9 -12.47 -6.22 -6.52
CA CYS A 9 -11.05 -6.07 -6.38
C CYS A 9 -10.52 -5.07 -7.40
N SER A 10 -9.25 -4.69 -7.28
CA SER A 10 -8.60 -3.83 -8.27
C SER A 10 -8.23 -4.56 -9.55
N GLU A 11 -7.71 -3.77 -10.51
CA GLU A 11 -7.35 -4.33 -11.79
C GLU A 11 -6.25 -5.37 -11.71
N LYS A 12 -5.45 -5.39 -10.64
CA LYS A 12 -4.36 -6.33 -10.61
C LYS A 12 -4.82 -7.75 -10.31
N GLN A 13 -5.96 -7.95 -9.67
CA GLN A 13 -6.37 -9.30 -9.29
C GLN A 13 -7.51 -9.83 -10.14
N VAL A 14 -8.13 -9.03 -11.00
CA VAL A 14 -9.37 -9.46 -11.65
C VAL A 14 -9.18 -10.75 -12.46
N ASP A 15 -8.17 -10.81 -13.33
CA ASP A 15 -8.01 -11.98 -14.20
C ASP A 15 -7.76 -13.27 -13.41
N ILE A 16 -6.85 -13.24 -12.41
CA ILE A 16 -6.57 -14.46 -11.69
C ILE A 16 -7.75 -14.86 -10.83
N LEU A 17 -8.43 -13.92 -10.18
CA LEU A 17 -9.56 -14.31 -9.34
C LEU A 17 -10.73 -14.83 -10.21
N GLN A 18 -10.90 -14.34 -11.42
CA GLN A 18 -11.96 -14.93 -12.24
C GLN A 18 -11.60 -16.36 -12.66
N LYS A 19 -10.32 -16.62 -12.99
CA LYS A 19 -9.90 -17.96 -13.31
C LYS A 19 -10.06 -18.87 -12.12
N LEU A 20 -9.61 -18.44 -10.94
CA LEU A 20 -9.82 -19.26 -9.76
C LEU A 20 -11.29 -19.46 -9.45
N GLY A 21 -12.14 -18.47 -9.80
CA GLY A 21 -13.56 -18.59 -9.56
C GLY A 21 -14.19 -19.65 -10.44
N GLU A 22 -13.65 -19.85 -11.64
CA GLU A 22 -14.15 -20.94 -12.46
C GLU A 22 -13.75 -22.29 -11.90
N GLU A 23 -12.51 -22.40 -11.34
CA GLU A 23 -12.10 -23.61 -10.66
C GLU A 23 -13.02 -23.94 -9.51
N PHE A 24 -13.36 -22.93 -8.68
CA PHE A 24 -14.27 -23.15 -7.56
C PHE A 24 -15.66 -23.56 -8.04
N LYS A 25 -16.13 -23.00 -9.14
CA LYS A 25 -17.41 -23.41 -9.69
C LYS A 25 -17.37 -24.88 -10.12
N ALA A 26 -16.25 -25.31 -10.69
CA ALA A 26 -16.15 -26.70 -11.14
C ALA A 26 -16.17 -27.65 -9.95
N LYS A 27 -15.54 -27.26 -8.86
CA LYS A 27 -15.43 -28.18 -7.72
C LYS A 27 -16.55 -28.07 -6.71
N TYR A 28 -17.20 -26.92 -6.58
CA TYR A 28 -18.26 -26.74 -5.61
C TYR A 28 -19.61 -26.39 -6.19
N GLY A 29 -19.69 -26.07 -7.46
CA GLY A 29 -20.95 -25.82 -8.13
C GLY A 29 -21.51 -24.40 -8.03
N ILE A 30 -20.79 -23.48 -7.39
CA ILE A 30 -21.24 -22.14 -7.05
C ILE A 30 -20.54 -21.19 -8.01
N PRO A 31 -21.23 -20.36 -8.77
CA PRO A 31 -20.54 -19.43 -9.67
C PRO A 31 -19.95 -18.27 -8.90
N VAL A 32 -18.85 -17.75 -9.42
CA VAL A 32 -18.08 -16.67 -8.80
C VAL A 32 -17.99 -15.56 -9.83
N GLU A 33 -18.37 -14.37 -9.44
CA GLU A 33 -18.32 -13.23 -10.35
C GLU A 33 -17.37 -12.21 -9.74
N VAL A 34 -16.38 -11.79 -10.50
CA VAL A 34 -15.38 -10.84 -10.06
C VAL A 34 -15.60 -9.53 -10.81
N GLN A 35 -15.77 -8.46 -10.03
CA GLN A 35 -16.02 -7.12 -10.55
C GLN A 35 -14.87 -6.18 -10.23
N TYR A 36 -14.26 -5.58 -11.28
CA TYR A 36 -13.26 -4.52 -11.10
C TYR A 36 -13.86 -3.29 -10.42
N VAL A 37 -13.16 -2.80 -9.41
CA VAL A 37 -13.50 -1.53 -8.79
C VAL A 37 -12.16 -0.85 -8.53
N ASP A 38 -12.02 0.41 -8.92
CA ASP A 38 -10.77 1.11 -8.71
C ASP A 38 -10.38 1.09 -7.21
N PHE A 39 -9.09 0.85 -6.95
CA PHE A 39 -8.65 0.58 -5.57
C PHE A 39 -9.03 1.70 -4.61
N GLY A 40 -8.88 2.95 -5.08
CA GLY A 40 -9.20 4.05 -4.21
C GLY A 40 -10.69 4.24 -3.93
N SER A 41 -11.56 3.52 -4.63
CA SER A 41 -13.00 3.57 -4.34
C SER A 41 -13.56 2.35 -3.63
N ILE A 42 -12.80 1.27 -3.50
CA ILE A 42 -13.37 0.07 -2.95
C ILE A 42 -13.96 0.35 -1.58
N LYS A 43 -13.16 0.95 -0.66
CA LYS A 43 -13.60 1.11 0.73
C LYS A 43 -14.77 2.07 0.80
N SER A 44 -14.72 3.15 0.02
CA SER A 44 -15.82 4.10 0.04
C SER A 44 -17.10 3.53 -0.55
N LYS A 45 -17.00 2.78 -1.65
CA LYS A 45 -18.19 2.16 -2.22
C LYS A 45 -18.76 1.12 -1.28
N PHE A 46 -17.89 0.40 -0.58
CA PHE A 46 -18.41 -0.65 0.30
C PHE A 46 -19.11 -0.05 1.51
N LEU A 47 -18.57 1.05 2.06
CA LEU A 47 -19.15 1.74 3.19
C LEU A 47 -20.58 2.19 2.86
N THR A 48 -20.85 2.61 1.61
CA THR A 48 -22.22 3.02 1.30
C THR A 48 -23.10 1.89 0.81
N ALA A 49 -22.53 0.88 0.13
CA ALA A 49 -23.30 -0.19 -0.47
C ALA A 49 -23.68 -1.29 0.51
N ALA A 50 -22.73 -1.67 1.38
CA ALA A 50 -22.96 -2.85 2.21
C ALA A 50 -24.14 -2.68 3.12
N PRO A 51 -24.32 -1.56 3.83
CA PRO A 51 -25.50 -1.42 4.69
C PRO A 51 -26.81 -1.51 3.92
N GLN A 52 -26.81 -1.19 2.63
CA GLN A 52 -28.00 -1.27 1.78
C GLN A 52 -28.25 -2.64 1.20
N GLY A 53 -27.44 -3.63 1.51
CA GLY A 53 -27.59 -4.94 0.90
C GLY A 53 -27.06 -5.07 -0.50
N GLN A 54 -26.22 -4.14 -0.96
CA GLN A 54 -25.72 -4.09 -2.32
C GLN A 54 -24.22 -4.20 -2.36
N GLY A 55 -23.59 -4.60 -1.30
CA GLY A 55 -22.15 -4.84 -1.36
C GLY A 55 -21.77 -6.20 -1.83
N ALA A 56 -20.57 -6.31 -2.35
CA ALA A 56 -20.06 -7.60 -2.75
C ALA A 56 -19.98 -8.51 -1.53
N ASP A 57 -19.95 -9.83 -1.75
CA ASP A 57 -19.74 -10.78 -0.64
C ASP A 57 -18.33 -10.74 -0.06
N ILE A 58 -17.36 -10.51 -0.95
CA ILE A 58 -15.96 -10.52 -0.61
C ILE A 58 -15.33 -9.28 -1.26
N ILE A 59 -14.47 -8.60 -0.49
CA ILE A 59 -13.67 -7.53 -1.04
C ILE A 59 -12.21 -7.84 -0.83
N VAL A 60 -11.36 -7.34 -1.73
CA VAL A 60 -9.90 -7.50 -1.61
C VAL A 60 -9.28 -6.13 -1.40
N GLY A 61 -8.47 -5.96 -0.37
CA GLY A 61 -7.88 -4.67 -0.15
C GLY A 61 -6.84 -4.69 0.93
N ALA A 62 -6.46 -3.47 1.37
CA ALA A 62 -5.33 -3.24 2.26
C ALA A 62 -5.74 -3.31 3.72
N HIS A 63 -4.81 -3.67 4.62
CA HIS A 63 -5.18 -3.99 5.99
C HIS A 63 -5.47 -2.75 6.83
N ASP A 64 -5.10 -1.52 6.39
CA ASP A 64 -5.44 -0.32 7.17
C ASP A 64 -6.95 -0.13 7.27
N TRP A 65 -7.70 -0.74 6.37
CA TRP A 65 -9.15 -0.54 6.43
C TRP A 65 -9.80 -1.28 7.58
N VAL A 66 -9.11 -2.24 8.20
CA VAL A 66 -9.81 -3.24 8.99
C VAL A 66 -10.57 -2.60 10.17
N GLY A 67 -9.94 -1.75 10.95
CA GLY A 67 -10.61 -1.19 12.12
C GLY A 67 -11.87 -0.45 11.77
N GLU A 68 -11.81 0.43 10.79
CA GLU A 68 -13.00 1.22 10.43
C GLU A 68 -14.15 0.30 9.99
N LEU A 69 -13.83 -0.70 9.17
CA LEU A 69 -14.85 -1.63 8.70
C LEU A 69 -15.40 -2.47 9.85
N ALA A 70 -14.54 -2.88 10.80
CA ALA A 70 -14.96 -3.73 11.92
C ALA A 70 -15.88 -3.00 12.88
N VAL A 71 -15.54 -1.77 13.23
CA VAL A 71 -16.35 -1.09 14.24
C VAL A 71 -17.67 -0.58 13.67
N ASN A 72 -17.78 -0.51 12.37
CA ASN A 72 -19.04 -0.28 11.68
C ASN A 72 -19.82 -1.56 11.39
N GLY A 73 -19.33 -2.70 11.82
CA GLY A 73 -20.07 -3.94 11.67
C GLY A 73 -20.21 -4.50 10.27
N LEU A 74 -19.23 -4.24 9.38
CA LEU A 74 -19.40 -4.53 7.98
C LEU A 74 -18.56 -5.68 7.50
N ILE A 75 -17.58 -6.17 8.31
CA ILE A 75 -16.83 -7.36 7.89
C ILE A 75 -16.87 -8.42 9.00
N GLU A 76 -16.82 -9.64 8.59
CA GLU A 76 -17.03 -10.86 9.38
C GLU A 76 -15.71 -11.35 9.94
N PRO A 77 -15.65 -11.71 11.24
CA PRO A 77 -14.42 -12.33 11.78
C PRO A 77 -14.21 -13.71 11.18
N ILE A 78 -12.96 -14.07 10.99
CA ILE A 78 -12.56 -15.35 10.39
C ILE A 78 -12.25 -16.29 11.52
N PRO A 79 -12.88 -17.44 11.63
CA PRO A 79 -12.52 -18.37 12.69
C PRO A 79 -11.16 -19.03 12.43
N ASN A 80 -10.58 -19.50 13.53
CA ASN A 80 -9.34 -20.24 13.40
C ASN A 80 -9.51 -21.43 12.48
N PHE A 81 -8.51 -21.66 11.63
CA PHE A 81 -8.46 -22.86 10.79
C PHE A 81 -6.99 -23.27 10.69
N SER A 82 -6.74 -24.55 10.48
CA SER A 82 -5.41 -25.07 10.82
C SER A 82 -4.32 -24.59 9.89
N ASP A 83 -4.66 -24.25 8.63
CA ASP A 83 -3.66 -23.69 7.71
C ASP A 83 -3.14 -22.32 8.15
N LEU A 84 -3.75 -21.63 9.13
CA LEU A 84 -3.21 -20.34 9.55
C LEU A 84 -1.79 -20.45 10.10
N LYS A 85 -1.36 -21.63 10.53
CA LYS A 85 -0.04 -21.77 11.11
C LYS A 85 1.01 -21.49 10.02
N ASN A 86 0.65 -21.59 8.76
CA ASN A 86 1.54 -21.39 7.62
C ASN A 86 1.66 -19.93 7.15
N PHE A 87 0.94 -19.01 7.78
CA PHE A 87 0.97 -17.63 7.39
C PHE A 87 1.87 -16.90 8.36
N TYR A 88 2.59 -15.91 7.84
CA TYR A 88 3.43 -15.04 8.66
C TYR A 88 2.63 -14.26 9.70
N ASP A 89 3.17 -14.19 10.89
CA ASP A 89 2.49 -13.49 11.97
C ASP A 89 2.28 -12.04 11.63
N THR A 90 3.24 -11.43 10.97
CA THR A 90 3.06 -10.01 10.63
C THR A 90 1.81 -9.85 9.78
N ALA A 91 1.55 -10.80 8.87
CA ALA A 91 0.40 -10.69 7.99
C ALA A 91 -0.88 -10.91 8.76
N LEU A 92 -0.91 -11.87 9.71
CA LEU A 92 -2.11 -12.13 10.47
C LEU A 92 -2.35 -11.01 11.47
N LYS A 93 -1.28 -10.42 12.06
CA LYS A 93 -1.51 -9.30 12.98
C LYS A 93 -2.07 -8.08 12.27
N ALA A 94 -1.64 -7.84 11.03
CA ALA A 94 -2.14 -6.69 10.28
C ALA A 94 -3.65 -6.77 10.01
N PHE A 95 -4.19 -7.97 9.90
CA PHE A 95 -5.60 -8.18 9.63
C PHE A 95 -6.38 -8.48 10.89
N SER A 96 -5.75 -8.30 12.06
CA SER A 96 -6.41 -8.53 13.36
C SER A 96 -6.77 -7.19 14.00
N TYR A 97 -7.89 -7.18 14.70
CA TYR A 97 -8.34 -5.97 15.36
C TYR A 97 -9.18 -6.44 16.53
N GLY A 98 -8.98 -5.87 17.71
CA GLY A 98 -9.81 -6.24 18.84
C GLY A 98 -9.76 -7.70 19.20
N GLY A 99 -8.65 -8.36 18.87
CA GLY A 99 -8.48 -9.76 19.19
C GLY A 99 -9.03 -10.75 18.19
N LYS A 100 -9.61 -10.29 17.10
CA LYS A 100 -10.23 -11.15 16.10
C LYS A 100 -9.49 -10.98 14.79
N LEU A 101 -9.41 -12.04 14.04
CA LEU A 101 -8.90 -11.99 12.68
C LEU A 101 -10.05 -11.56 11.77
N TYR A 102 -9.79 -10.60 10.88
CA TYR A 102 -10.86 -10.06 10.02
C TYR A 102 -10.55 -10.18 8.53
N GLY A 103 -9.59 -11.02 8.18
CA GLY A 103 -9.38 -11.29 6.77
C GLY A 103 -8.37 -12.42 6.60
N VAL A 104 -8.31 -12.94 5.39
CA VAL A 104 -7.25 -13.89 5.01
C VAL A 104 -6.23 -13.14 4.14
N PRO A 105 -5.02 -12.90 4.62
CA PRO A 105 -4.01 -12.17 3.84
C PRO A 105 -3.48 -13.03 2.73
N TYR A 106 -3.18 -12.40 1.62
CA TYR A 106 -2.42 -13.12 0.60
C TYR A 106 -1.06 -12.57 0.30
N ALA A 107 -0.79 -11.31 0.62
CA ALA A 107 0.48 -10.73 0.26
C ALA A 107 0.85 -9.57 1.17
N MET A 108 2.18 -9.40 1.33
CA MET A 108 2.77 -8.24 1.97
C MET A 108 3.47 -7.39 0.90
N GLU A 109 3.69 -6.12 1.21
CA GLU A 109 4.27 -5.22 0.22
C GLU A 109 4.84 -3.98 0.87
N ALA A 110 5.79 -3.36 0.15
CA ALA A 110 6.28 -2.03 0.47
C ALA A 110 6.77 -1.41 -0.80
N VAL A 111 6.89 -0.10 -0.79
CA VAL A 111 7.52 0.59 -1.89
C VAL A 111 9.03 0.45 -1.84
N ALA A 112 9.64 0.79 -2.97
CA ALA A 112 11.09 0.76 -3.15
C ALA A 112 11.40 1.67 -4.32
N LEU A 113 12.72 1.85 -4.56
CA LEU A 113 13.20 2.60 -5.73
C LEU A 113 13.23 1.63 -6.90
N ILE A 114 12.49 1.97 -7.93
CA ILE A 114 12.48 1.18 -9.16
C ILE A 114 13.17 2.03 -10.21
N TYR A 115 14.16 1.50 -10.88
CA TYR A 115 14.89 2.34 -11.83
C TYR A 115 15.04 1.64 -13.17
N ASN A 116 15.19 2.44 -14.23
CA ASN A 116 15.38 1.94 -15.61
C ASN A 116 16.86 1.91 -15.93
N LYS A 117 17.37 0.71 -16.09
CA LYS A 117 18.80 0.48 -16.23
C LYS A 117 19.36 1.12 -17.50
N ASP A 118 18.51 1.50 -18.44
CA ASP A 118 19.00 2.22 -19.61
C ASP A 118 19.43 3.63 -19.28
N TYR A 119 19.01 4.17 -18.14
CA TYR A 119 19.43 5.47 -17.74
C TYR A 119 20.23 5.50 -16.45
N VAL A 120 20.17 4.46 -15.63
CA VAL A 120 20.80 4.46 -14.31
C VAL A 120 21.73 3.26 -14.24
N ASP A 121 23.01 3.52 -14.17
CA ASP A 121 24.01 2.45 -14.11
C ASP A 121 24.35 2.09 -12.67
N SER A 122 24.34 3.06 -11.77
CA SER A 122 24.72 2.87 -10.38
C SER A 122 23.60 3.38 -9.50
N VAL A 123 23.09 2.53 -8.61
CA VAL A 123 22.01 2.97 -7.73
C VAL A 123 22.51 4.06 -6.80
N PRO A 124 21.79 5.17 -6.64
CA PRO A 124 22.25 6.18 -5.67
C PRO A 124 22.23 5.59 -4.27
N LYS A 125 23.24 5.94 -3.47
CA LYS A 125 23.33 5.43 -2.12
C LYS A 125 22.67 6.35 -1.10
N THR A 126 22.49 7.62 -1.44
CA THR A 126 21.83 8.59 -0.57
C THR A 126 20.82 9.38 -1.39
N MET A 127 19.92 10.08 -0.67
CA MET A 127 18.96 10.93 -1.33
C MET A 127 19.65 12.09 -2.01
N ASP A 128 20.74 12.57 -1.44
CA ASP A 128 21.49 13.62 -2.13
C ASP A 128 22.02 13.14 -3.48
N GLU A 129 22.55 11.93 -3.55
CA GLU A 129 23.05 11.41 -4.81
C GLU A 129 21.91 11.17 -5.81
N LEU A 130 20.74 10.79 -5.33
CA LEU A 130 19.61 10.60 -6.23
C LEU A 130 19.19 11.92 -6.85
N ILE A 131 19.18 12.99 -6.04
CA ILE A 131 18.77 14.30 -6.53
C ILE A 131 19.76 14.79 -7.60
N GLU A 132 21.04 14.52 -7.39
CA GLU A 132 22.04 14.99 -8.35
C GLU A 132 21.92 14.21 -9.64
N LYS A 133 21.73 12.88 -9.53
CA LYS A 133 21.58 12.02 -10.71
C LYS A 133 20.30 12.38 -11.45
N ALA A 134 19.19 12.64 -10.74
CA ALA A 134 17.99 13.02 -11.47
C ALA A 134 18.20 14.30 -12.27
N LYS A 135 18.90 15.27 -11.71
CA LYS A 135 19.09 16.54 -12.43
C LYS A 135 19.95 16.36 -13.66
N GLN A 136 20.91 15.47 -13.59
CA GLN A 136 21.74 15.16 -14.77
C GLN A 136 20.94 14.53 -15.89
N ILE A 137 20.06 13.58 -15.56
CA ILE A 137 19.18 13.00 -16.56
C ILE A 137 18.27 14.05 -17.14
N ASP A 138 17.68 14.88 -16.30
CA ASP A 138 16.78 15.92 -16.78
C ASP A 138 17.47 16.81 -17.80
N GLU A 139 18.73 17.14 -17.57
CA GLU A 139 19.47 17.96 -18.52
C GLU A 139 19.89 17.17 -19.76
N GLU A 140 20.43 15.97 -19.56
CA GLU A 140 21.03 15.22 -20.66
C GLU A 140 20.05 14.96 -21.79
N TYR A 141 18.81 14.58 -21.46
CA TYR A 141 17.78 14.21 -22.44
C TYR A 141 16.79 15.34 -22.73
N GLY A 142 17.11 16.57 -22.26
CA GLY A 142 16.38 17.74 -22.67
C GLY A 142 14.93 17.74 -22.25
N GLY A 143 14.61 17.14 -21.11
CA GLY A 143 13.24 17.08 -20.63
C GLY A 143 12.38 15.97 -21.23
N GLU A 144 12.90 15.18 -22.15
CA GLU A 144 12.07 14.12 -22.69
C GLU A 144 11.95 12.98 -21.68
N VAL A 145 12.97 12.80 -20.83
CA VAL A 145 13.04 11.76 -19.81
C VAL A 145 13.02 12.41 -18.45
N ARG A 146 12.16 11.94 -17.55
CA ARG A 146 12.21 12.46 -16.18
C ARG A 146 13.20 11.69 -15.33
N GLY A 147 14.07 12.43 -14.64
CA GLY A 147 15.05 11.76 -13.83
C GLY A 147 14.40 11.06 -12.65
N PHE A 148 13.43 11.70 -12.02
CA PHE A 148 12.78 11.14 -10.84
C PHE A 148 11.36 11.65 -10.79
N ILE A 149 10.40 10.76 -10.54
CA ILE A 149 9.02 11.19 -10.42
C ILE A 149 8.33 10.19 -9.51
N TYR A 150 7.43 10.66 -8.68
CA TYR A 150 6.56 9.77 -7.93
C TYR A 150 5.33 10.57 -7.49
N ASP A 151 4.40 9.86 -6.84
CA ASP A 151 3.12 10.44 -6.42
C ASP A 151 3.34 11.23 -5.15
N VAL A 152 3.90 12.43 -5.28
CA VAL A 152 4.50 13.18 -4.18
C VAL A 152 3.47 13.63 -3.14
N ALA A 153 2.28 14.02 -3.53
CA ALA A 153 1.35 14.59 -2.57
C ALA A 153 0.49 13.52 -1.91
N ASN A 154 0.76 12.23 -2.16
CA ASN A 154 0.09 11.08 -1.53
C ASN A 154 0.88 10.65 -0.31
N PHE A 155 0.30 10.77 0.89
CA PHE A 155 1.09 10.47 2.08
C PHE A 155 1.61 9.03 2.07
N TYR A 156 0.91 8.11 1.43
CA TYR A 156 1.38 6.71 1.40
C TYR A 156 2.79 6.65 0.80
N PHE A 157 3.01 7.36 -0.31
CA PHE A 157 4.29 7.33 -1.02
C PHE A 157 5.34 8.27 -0.42
N SER A 158 4.93 9.37 0.24
CA SER A 158 5.87 10.28 0.87
C SER A 158 6.21 9.89 2.31
N ALA A 159 5.49 8.92 2.88
CA ALA A 159 5.78 8.45 4.23
C ALA A 159 7.21 8.01 4.45
N PRO A 160 7.90 7.38 3.49
CA PRO A 160 9.22 6.89 3.87
C PRO A 160 10.14 8.01 4.36
N PHE A 161 9.98 9.21 3.81
CA PHE A 161 10.80 10.38 4.21
C PHE A 161 10.38 10.97 5.56
N ILE A 162 9.07 11.06 5.80
CA ILE A 162 8.52 11.56 7.06
C ILE A 162 8.79 10.61 8.21
N LEU A 163 8.49 9.32 8.03
CA LEU A 163 8.74 8.38 9.10
C LEU A 163 10.23 8.12 9.27
N GLY A 164 11.00 8.20 8.19
CA GLY A 164 12.40 7.83 8.30
C GLY A 164 13.15 8.78 9.19
N TYR A 165 12.75 10.04 9.21
CA TYR A 165 13.44 11.04 10.04
C TYR A 165 12.88 11.12 11.45
N GLY A 166 11.85 10.34 11.76
CA GLY A 166 11.31 10.25 13.12
C GLY A 166 9.88 10.64 13.28
N GLY A 167 9.15 11.04 12.21
CA GLY A 167 7.73 11.16 12.34
C GLY A 167 7.10 9.82 12.67
N TYR A 168 5.91 9.88 13.24
CA TYR A 168 5.10 8.69 13.46
C TYR A 168 3.63 9.09 13.40
N VAL A 169 2.77 8.11 13.13
CA VAL A 169 1.33 8.41 13.03
C VAL A 169 0.77 8.44 14.45
N PHE A 170 0.66 7.29 15.10
CA PHE A 170 0.21 7.25 16.50
C PHE A 170 1.27 6.60 17.41
N LYS A 171 1.43 7.07 18.65
CA LYS A 171 2.45 6.51 19.51
C LYS A 171 2.08 5.10 19.98
N GLU A 172 3.04 4.18 19.92
CA GLU A 172 2.85 2.84 20.45
C GLU A 172 3.06 2.85 21.96
N THR A 173 2.17 2.22 22.73
CA THR A 173 2.27 2.11 24.15
C THR A 173 1.98 0.69 24.56
N PRO A 174 2.25 0.30 25.79
CA PRO A 174 1.89 -1.06 26.26
C PRO A 174 0.40 -1.30 26.28
N GLN A 175 -0.42 -0.26 26.15
CA GLN A 175 -1.87 -0.37 26.13
C GLN A 175 -2.43 -0.25 24.72
N GLY A 176 -1.59 -0.24 23.71
CA GLY A 176 -2.05 -0.10 22.33
C GLY A 176 -1.66 1.24 21.75
N LEU A 177 -2.15 1.53 20.55
CA LEU A 177 -1.84 2.82 19.96
C LEU A 177 -2.56 3.92 20.74
N ASP A 178 -1.83 5.01 21.01
CA ASP A 178 -2.43 6.21 21.62
C ASP A 178 -2.80 7.18 20.51
N VAL A 179 -4.05 7.15 20.06
CA VAL A 179 -4.50 7.99 18.96
C VAL A 179 -4.62 9.48 19.32
N THR A 180 -4.34 9.86 20.58
CA THR A 180 -4.20 11.29 20.89
C THR A 180 -2.76 11.78 20.80
N ASP A 181 -1.78 10.90 20.55
CA ASP A 181 -0.38 11.28 20.52
C ASP A 181 0.04 11.06 19.07
N ILE A 182 -0.02 12.12 18.28
CA ILE A 182 0.17 12.05 16.82
C ILE A 182 1.49 12.72 16.52
N GLY A 183 2.36 12.02 15.76
CA GLY A 183 3.74 12.39 15.58
C GLY A 183 4.06 13.02 14.24
N LEU A 184 3.05 13.53 13.53
CA LEU A 184 3.14 13.88 12.11
C LEU A 184 3.58 15.32 11.92
N ALA A 185 3.77 16.04 13.05
CA ALA A 185 4.37 17.37 12.99
C ALA A 185 5.52 17.56 13.96
N ASN A 186 6.20 16.49 14.35
CA ASN A 186 7.35 16.59 15.20
C ASN A 186 8.58 16.97 14.39
N GLU A 187 9.74 17.11 15.07
CA GLU A 187 10.93 17.64 14.44
C GLU A 187 11.33 16.73 13.28
N GLY A 188 11.12 15.42 13.43
CA GLY A 188 11.49 14.48 12.39
C GLY A 188 10.59 14.59 11.19
N ALA A 189 9.27 14.68 11.43
CA ALA A 189 8.33 14.86 10.33
C ALA A 189 8.62 16.14 9.55
N VAL A 190 8.94 17.23 10.25
CA VAL A 190 9.31 18.46 9.57
C VAL A 190 10.53 18.24 8.69
N LYS A 191 11.56 17.58 9.24
CA LYS A 191 12.78 17.38 8.47
C LYS A 191 12.48 16.57 7.20
N GLY A 192 11.60 15.56 7.29
CA GLY A 192 11.31 14.73 6.12
C GLY A 192 10.51 15.49 5.08
N ALA A 193 9.60 16.36 5.55
CA ALA A 193 8.78 17.16 4.66
C ALA A 193 9.62 18.24 3.99
N LYS A 194 10.67 18.72 4.66
CA LYS A 194 11.55 19.68 4.03
C LYS A 194 12.37 19.05 2.91
N LEU A 195 12.78 17.77 3.07
CA LEU A 195 13.45 17.09 1.96
C LEU A 195 12.55 17.03 0.75
N ILE A 196 11.24 16.78 0.94
CA ILE A 196 10.31 16.78 -0.19
C ILE A 196 10.24 18.17 -0.83
N LYS A 197 10.15 19.22 -0.01
CA LYS A 197 10.09 20.56 -0.54
C LYS A 197 11.35 20.88 -1.31
N ARG A 198 12.51 20.42 -0.80
CA ARG A 198 13.79 20.71 -1.46
C ARG A 198 13.83 20.10 -2.86
N MET A 199 13.23 18.92 -3.04
CA MET A 199 13.20 18.32 -4.37
C MET A 199 12.33 19.13 -5.32
N ILE A 200 11.23 19.69 -4.81
CA ILE A 200 10.43 20.63 -5.60
C ILE A 200 11.25 21.87 -5.94
N ASP A 201 11.89 22.46 -4.93
CA ASP A 201 12.56 23.73 -5.15
C ASP A 201 13.66 23.59 -6.18
N GLU A 202 14.34 22.47 -6.15
CA GLU A 202 15.41 22.18 -7.07
C GLU A 202 14.92 21.63 -8.40
N GLY A 203 13.62 21.60 -8.63
CA GLY A 203 13.01 21.21 -9.89
C GLY A 203 13.13 19.75 -10.30
N VAL A 204 13.47 18.82 -9.40
CA VAL A 204 13.46 17.41 -9.79
C VAL A 204 12.09 16.78 -9.64
N LEU A 205 11.25 17.34 -8.78
CA LEU A 205 9.84 17.01 -8.78
C LEU A 205 9.04 18.25 -9.17
N THR A 206 7.81 18.02 -9.62
CA THR A 206 6.87 19.10 -9.87
C THR A 206 5.59 18.94 -9.06
N PRO A 207 4.84 20.02 -8.85
CA PRO A 207 3.58 19.91 -8.10
C PRO A 207 2.50 19.12 -8.80
N GLY A 208 2.61 18.91 -10.10
CA GLY A 208 1.64 18.14 -10.84
C GLY A 208 1.89 16.63 -10.90
N ASP A 209 3.00 16.18 -10.32
CA ASP A 209 3.38 14.78 -10.38
C ASP A 209 2.33 13.95 -9.65
N ASN A 210 1.88 12.84 -10.26
CA ASN A 210 0.84 12.00 -9.69
C ASN A 210 1.09 10.56 -10.13
N TYR A 211 0.30 9.63 -9.55
CA TYR A 211 0.55 8.21 -9.79
C TYR A 211 0.42 7.84 -11.26
N GLY A 212 -0.69 8.26 -11.89
CA GLY A 212 -0.94 7.87 -13.27
C GLY A 212 0.19 8.31 -14.20
N THR A 213 0.66 9.55 -14.04
CA THR A 213 1.74 10.00 -14.93
C THR A 213 3.07 9.31 -14.60
N MET A 214 3.38 9.11 -13.34
CA MET A 214 4.52 8.28 -13.00
C MET A 214 4.48 6.91 -13.68
N ASP A 215 3.39 6.17 -13.46
CA ASP A 215 3.27 4.79 -13.90
C ASP A 215 3.33 4.71 -15.43
N SER A 216 2.65 5.65 -16.10
CA SER A 216 2.66 5.68 -17.58
C SER A 216 4.04 6.00 -18.11
N MET A 217 4.66 7.06 -17.58
CA MET A 217 5.98 7.43 -18.04
C MET A 217 6.99 6.30 -17.84
N PHE A 218 6.96 5.59 -16.68
CA PHE A 218 7.93 4.52 -16.49
C PHE A 218 7.70 3.41 -17.52
N LYS A 219 6.45 3.05 -17.77
CA LYS A 219 6.14 1.96 -18.69
C LYS A 219 6.53 2.31 -20.12
N GLU A 220 6.49 3.60 -20.49
CA GLU A 220 6.92 4.07 -21.81
C GLU A 220 8.41 4.29 -21.95
N GLY A 221 9.20 4.07 -20.89
CA GLY A 221 10.63 4.30 -21.00
C GLY A 221 11.06 5.74 -20.85
N LEU A 222 10.24 6.60 -20.25
CA LEU A 222 10.56 8.00 -20.17
C LEU A 222 10.75 8.48 -18.74
N ALA A 223 10.89 7.59 -17.76
CA ALA A 223 11.25 7.97 -16.41
C ALA A 223 12.41 7.10 -15.96
N ALA A 224 13.42 7.68 -15.32
CA ALA A 224 14.59 6.90 -14.93
C ALA A 224 14.41 6.23 -13.58
N MET A 225 13.84 6.94 -12.62
CA MET A 225 13.70 6.50 -11.24
C MET A 225 12.32 6.85 -10.71
N ILE A 226 11.65 5.86 -10.08
CA ILE A 226 10.35 6.10 -9.46
C ILE A 226 10.29 5.43 -8.08
N ILE A 227 9.25 5.74 -7.32
CA ILE A 227 8.96 5.06 -6.05
C ILE A 227 7.65 4.34 -6.27
N ASN A 228 7.66 3.02 -6.23
CA ASN A 228 6.43 2.25 -6.40
C ASN A 228 6.64 0.88 -5.77
N GLY A 229 5.54 0.14 -5.73
CA GLY A 229 5.46 -1.15 -5.10
C GLY A 229 5.37 -2.33 -6.04
N LEU A 230 5.27 -3.53 -5.42
CA LEU A 230 5.39 -4.78 -6.15
C LEU A 230 4.21 -4.95 -7.10
N TRP A 231 3.07 -4.27 -6.83
CA TRP A 231 1.85 -4.35 -7.66
C TRP A 231 2.07 -3.86 -9.08
N ALA A 232 3.17 -3.14 -9.33
CA ALA A 232 3.39 -2.57 -10.64
C ALA A 232 4.42 -3.32 -11.44
N ILE A 233 5.19 -4.21 -10.84
CA ILE A 233 6.37 -4.77 -11.53
C ILE A 233 5.98 -5.65 -12.71
N LYS A 234 4.89 -6.40 -12.59
CA LYS A 234 4.52 -7.26 -13.72
C LYS A 234 4.22 -6.42 -14.97
N SER A 235 3.53 -5.30 -14.78
CA SER A 235 3.26 -4.47 -15.93
C SER A 235 4.54 -3.92 -16.55
N TYR A 236 5.57 -3.68 -15.74
CA TYR A 236 6.81 -3.17 -16.27
C TYR A 236 7.63 -4.24 -16.97
N LYS A 237 7.64 -5.48 -16.43
CA LYS A 237 8.21 -6.61 -17.17
C LYS A 237 7.49 -6.82 -18.48
N ASP A 238 6.15 -6.71 -18.49
CA ASP A 238 5.38 -6.96 -19.73
C ASP A 238 5.58 -5.83 -20.74
N ALA A 239 5.87 -4.60 -20.28
CA ALA A 239 6.21 -3.51 -21.18
C ALA A 239 7.64 -3.60 -21.70
N GLY A 240 8.39 -4.61 -21.26
CA GLY A 240 9.77 -4.79 -21.66
C GLY A 240 10.79 -3.84 -21.11
N ILE A 241 10.51 -3.22 -19.95
CA ILE A 241 11.44 -2.30 -19.33
C ILE A 241 12.53 -3.10 -18.62
N ASN A 242 13.78 -2.69 -18.83
CA ASN A 242 14.90 -3.29 -18.13
C ASN A 242 15.11 -2.57 -16.79
N TYR A 243 14.34 -3.02 -15.79
CA TYR A 243 14.26 -2.33 -14.52
C TYR A 243 15.09 -3.06 -13.46
N GLY A 244 15.48 -2.29 -12.45
CA GLY A 244 16.05 -2.85 -11.25
C GLY A 244 15.28 -2.27 -10.07
N VAL A 245 15.45 -2.89 -8.91
CA VAL A 245 14.79 -2.51 -7.68
C VAL A 245 15.83 -2.40 -6.55
N ALA A 246 15.75 -1.35 -5.75
CA ALA A 246 16.62 -1.20 -4.59
C ALA A 246 15.83 -0.54 -3.46
N PRO A 247 16.28 -0.67 -2.24
CA PRO A 247 15.70 0.14 -1.16
C PRO A 247 15.83 1.62 -1.50
N ILE A 248 14.88 2.40 -1.01
CA ILE A 248 14.98 3.86 -1.11
C ILE A 248 16.31 4.29 -0.54
N PRO A 249 17.04 5.23 -1.18
CA PRO A 249 18.39 5.58 -0.69
C PRO A 249 18.29 6.21 0.68
N GLU A 250 19.32 6.02 1.48
CA GLU A 250 19.33 6.60 2.82
C GLU A 250 19.09 8.09 2.77
N LEU A 251 18.41 8.58 3.80
CA LEU A 251 18.08 9.99 3.83
C LEU A 251 19.31 10.81 4.11
N GLU A 252 20.20 10.31 5.00
CA GLU A 252 21.58 10.79 5.18
C GLU A 252 22.40 9.54 5.47
N PRO A 253 23.72 9.60 5.50
CA PRO A 253 24.51 8.40 5.75
C PRO A 253 24.19 7.78 7.10
N GLY A 254 23.86 6.48 7.07
CA GLY A 254 23.43 5.76 8.27
C GLY A 254 22.01 6.04 8.76
N VAL A 255 21.17 6.66 7.94
CA VAL A 255 19.81 6.98 8.35
C VAL A 255 18.84 6.51 7.27
N PRO A 256 18.19 5.37 7.43
CA PRO A 256 17.40 4.82 6.33
C PRO A 256 16.01 5.41 6.20
N ALA A 257 15.49 5.28 4.99
CA ALA A 257 14.10 5.58 4.76
C ALA A 257 13.28 4.51 5.46
N LYS A 258 12.02 4.81 5.76
CA LYS A 258 11.19 3.90 6.56
C LYS A 258 9.79 3.85 5.91
N PRO A 259 9.60 3.01 4.88
CA PRO A 259 8.29 2.93 4.22
C PRO A 259 7.23 2.26 5.09
N PHE A 260 5.97 2.51 4.72
CA PHE A 260 4.92 1.69 5.28
C PHE A 260 5.04 0.26 4.74
N VAL A 261 4.64 -0.69 5.55
CA VAL A 261 4.37 -2.04 5.09
C VAL A 261 2.87 -2.21 5.00
N GLY A 262 2.45 -2.77 3.89
CA GLY A 262 1.07 -3.13 3.71
C GLY A 262 0.83 -4.62 3.54
N VAL A 263 -0.37 -5.02 3.93
CA VAL A 263 -0.80 -6.40 3.74
C VAL A 263 -2.12 -6.36 2.96
N GLN A 264 -2.19 -7.17 1.93
CA GLN A 264 -3.38 -7.25 1.12
C GLN A 264 -4.13 -8.52 1.45
N GLY A 265 -5.43 -8.46 1.40
CA GLY A 265 -6.17 -9.60 1.93
C GLY A 265 -7.63 -9.61 1.49
N PHE A 266 -8.28 -10.72 1.81
CA PHE A 266 -9.68 -10.99 1.50
C PHE A 266 -10.53 -10.81 2.75
N MET A 267 -11.60 -9.98 2.67
CA MET A 267 -12.56 -9.71 3.75
C MET A 267 -13.96 -10.10 3.30
N ILE A 268 -14.74 -10.61 4.22
CA ILE A 268 -16.10 -11.04 3.96
C ILE A 268 -17.09 -10.02 4.50
N ASN A 269 -18.09 -9.67 3.67
CA ASN A 269 -19.15 -8.76 4.09
C ASN A 269 -20.04 -9.43 5.13
N ALA A 270 -20.12 -8.84 6.30
CA ALA A 270 -20.93 -9.33 7.41
C ALA A 270 -22.40 -9.31 7.10
N LYS A 271 -22.79 -8.46 6.15
CA LYS A 271 -24.19 -8.41 5.72
C LYS A 271 -24.52 -9.38 4.58
N SER A 272 -23.56 -10.19 4.12
CA SER A 272 -23.85 -11.03 2.98
C SER A 272 -24.78 -12.17 3.37
N PRO A 273 -25.73 -12.49 2.50
CA PRO A 273 -26.53 -13.71 2.71
C PRO A 273 -25.79 -14.96 2.38
N ASN A 274 -24.59 -14.83 1.81
CA ASN A 274 -23.80 -15.95 1.34
C ASN A 274 -22.55 -16.16 2.18
N LYS A 275 -22.50 -15.65 3.42
CA LYS A 275 -21.27 -15.72 4.24
C LYS A 275 -20.76 -17.16 4.39
N VAL A 276 -21.65 -18.12 4.57
CA VAL A 276 -21.22 -19.50 4.79
C VAL A 276 -20.38 -20.00 3.62
N ILE A 277 -20.85 -19.79 2.40
CA ILE A 277 -20.10 -20.22 1.23
C ILE A 277 -18.84 -19.36 1.07
N ALA A 278 -18.93 -18.04 1.41
CA ALA A 278 -17.76 -17.17 1.28
C ALA A 278 -16.66 -17.67 2.19
N MET A 279 -17.04 -18.16 3.40
CA MET A 279 -16.07 -18.69 4.36
C MET A 279 -15.33 -19.90 3.84
N GLU A 280 -16.04 -20.79 3.17
CA GLU A 280 -15.43 -21.97 2.55
C GLU A 280 -14.49 -21.58 1.41
N PHE A 281 -14.95 -20.67 0.57
CA PHE A 281 -14.11 -20.17 -0.50
C PHE A 281 -12.77 -19.67 0.06
N LEU A 282 -12.81 -18.88 1.12
CA LEU A 282 -11.60 -18.24 1.61
C LEU A 282 -10.74 -19.24 2.38
N THR A 283 -11.33 -20.01 3.32
CA THR A 283 -10.50 -20.79 4.25
C THR A 283 -10.10 -22.17 3.68
N ASN A 284 -10.90 -22.74 2.76
CA ASN A 284 -10.62 -24.06 2.20
C ASN A 284 -10.30 -24.08 0.71
N PHE A 285 -10.19 -22.92 0.04
CA PHE A 285 -9.81 -22.91 -1.34
C PHE A 285 -8.74 -21.83 -1.56
N ILE A 286 -9.04 -20.55 -1.26
CA ILE A 286 -8.05 -19.49 -1.49
C ILE A 286 -6.81 -19.68 -0.61
N ALA A 287 -6.99 -20.09 0.63
CA ALA A 287 -5.88 -20.14 1.58
C ALA A 287 -4.88 -21.25 1.31
N ARG A 288 -5.17 -22.21 0.45
CA ARG A 288 -4.32 -23.35 0.18
C ARG A 288 -3.04 -22.93 -0.52
N LYS A 289 -1.97 -23.65 -0.23
CA LYS A 289 -0.66 -23.35 -0.80
C LYS A 289 -0.70 -23.24 -2.33
N GLU A 290 -1.35 -24.20 -3.00
CA GLU A 290 -1.36 -24.21 -4.46
C GLU A 290 -2.07 -22.99 -5.01
N THR A 291 -3.18 -22.63 -4.37
CA THR A 291 -3.94 -21.47 -4.81
C THR A 291 -3.15 -20.18 -4.60
N MET A 292 -2.49 -20.03 -3.44
CA MET A 292 -1.72 -18.84 -3.14
C MET A 292 -0.57 -18.68 -4.11
N TYR A 293 0.04 -19.79 -4.58
CA TYR A 293 1.15 -19.73 -5.56
C TYR A 293 0.62 -19.30 -6.92
N LYS A 294 -0.59 -19.73 -7.28
CA LYS A 294 -1.18 -19.22 -8.54
C LYS A 294 -1.42 -17.72 -8.47
N ILE A 295 -1.88 -17.23 -7.32
CA ILE A 295 -2.08 -15.79 -7.16
C ILE A 295 -0.74 -15.08 -7.32
N TYR A 296 0.33 -15.56 -6.67
CA TYR A 296 1.65 -14.94 -6.80
C TYR A 296 2.05 -14.81 -8.26
N LEU A 297 1.85 -15.88 -9.04
CA LEU A 297 2.31 -15.81 -10.43
C LEU A 297 1.61 -14.70 -11.20
N ALA A 298 0.34 -14.44 -10.90
CA ALA A 298 -0.42 -13.40 -11.56
C ALA A 298 -0.24 -12.02 -10.95
N ASP A 299 0.08 -11.93 -9.67
CA ASP A 299 0.12 -10.66 -8.94
C ASP A 299 1.27 -10.81 -7.95
N PRO A 300 2.49 -10.55 -8.37
CA PRO A 300 3.69 -11.08 -7.64
C PRO A 300 4.19 -10.17 -6.53
N ARG A 301 3.40 -10.13 -5.51
CA ARG A 301 3.75 -9.40 -4.30
C ARG A 301 4.37 -10.41 -3.35
N LEU A 302 4.81 -9.98 -2.16
CA LEU A 302 5.48 -10.95 -1.24
C LEU A 302 4.49 -11.92 -0.60
N PRO A 303 4.57 -13.22 -0.83
CA PRO A 303 3.51 -14.09 -0.33
C PRO A 303 3.37 -14.04 1.16
N ALA A 304 2.13 -14.11 1.62
CA ALA A 304 1.87 -14.15 3.04
C ALA A 304 2.00 -15.55 3.65
N ARG A 305 2.06 -16.57 2.83
CA ARG A 305 2.33 -17.91 3.35
C ARG A 305 3.81 -18.20 3.20
N LYS A 306 4.43 -18.67 4.30
CA LYS A 306 5.86 -18.96 4.30
C LYS A 306 6.22 -20.04 3.29
N ASP A 307 5.38 -21.05 3.12
CA ASP A 307 5.77 -22.14 2.20
C ASP A 307 5.67 -21.72 0.74
N VAL A 308 4.92 -20.66 0.45
CA VAL A 308 4.93 -20.10 -0.90
C VAL A 308 6.08 -19.13 -1.07
N LEU A 309 6.36 -18.28 -0.09
CA LEU A 309 7.53 -17.42 -0.19
C LEU A 309 8.77 -18.28 -0.40
N GLU A 310 8.83 -19.44 0.26
CA GLU A 310 10.01 -20.32 0.12
C GLU A 310 10.28 -20.71 -1.34
N LEU A 311 9.23 -20.85 -2.15
CA LEU A 311 9.42 -21.20 -3.56
C LEU A 311 10.04 -20.08 -4.37
N VAL A 312 9.83 -18.81 -3.98
CA VAL A 312 10.20 -17.67 -4.79
C VAL A 312 11.26 -16.80 -4.15
N LYS A 313 11.92 -17.26 -3.07
CA LYS A 313 12.76 -16.37 -2.26
C LYS A 313 14.05 -15.97 -2.92
N ASP A 314 14.44 -16.66 -3.97
CA ASP A 314 15.63 -16.29 -4.72
C ASP A 314 15.38 -15.25 -5.77
N ASN A 315 14.12 -14.93 -6.07
CA ASN A 315 13.88 -13.97 -7.12
C ASN A 315 14.42 -12.63 -6.70
N PRO A 316 15.20 -11.95 -7.55
CA PRO A 316 15.84 -10.71 -7.09
C PRO A 316 14.86 -9.60 -6.73
N ASP A 317 13.69 -9.58 -7.36
CA ASP A 317 12.69 -8.58 -6.96
C ASP A 317 12.17 -8.88 -5.57
N VAL A 318 11.95 -10.17 -5.27
CA VAL A 318 11.52 -10.54 -3.93
C VAL A 318 12.60 -10.14 -2.91
N VAL A 319 13.88 -10.41 -3.23
CA VAL A 319 14.98 -10.04 -2.35
C VAL A 319 14.99 -8.54 -2.05
N ALA A 320 14.93 -7.72 -3.09
CA ALA A 320 15.01 -6.28 -2.94
C ALA A 320 13.82 -5.73 -2.17
N PHE A 321 12.60 -6.15 -2.53
CA PHE A 321 11.44 -5.64 -1.81
C PHE A 321 11.37 -6.15 -0.35
N THR A 322 11.90 -7.35 -0.09
CA THR A 322 12.01 -7.81 1.30
C THR A 322 12.93 -6.90 2.09
N GLN A 323 14.06 -6.50 1.47
CA GLN A 323 14.98 -5.57 2.12
C GLN A 323 14.29 -4.25 2.41
N SER A 324 13.50 -3.73 1.47
CA SER A 324 12.76 -2.49 1.72
C SER A 324 11.73 -2.65 2.83
N ALA A 325 10.97 -3.74 2.78
CA ALA A 325 9.93 -3.93 3.78
C ALA A 325 10.53 -4.13 5.17
N SER A 326 11.73 -4.74 5.26
CA SER A 326 12.36 -5.01 6.55
C SER A 326 12.69 -3.73 7.29
N MET A 327 12.86 -2.62 6.55
CA MET A 327 13.15 -1.33 7.12
C MET A 327 11.90 -0.53 7.42
N GLY A 328 10.70 -1.08 7.19
CA GLY A 328 9.47 -0.31 7.21
C GLY A 328 8.68 -0.57 8.48
N THR A 329 7.48 -0.03 8.49
CA THR A 329 6.62 -0.22 9.62
C THR A 329 5.19 -0.44 9.14
N PRO A 330 4.48 -1.40 9.72
CA PRO A 330 3.14 -1.68 9.20
C PRO A 330 2.23 -0.49 9.41
N MET A 331 1.39 -0.20 8.40
CA MET A 331 0.34 0.79 8.60
C MET A 331 -0.53 0.46 9.82
N PRO A 332 -0.94 1.47 10.59
CA PRO A 332 -1.94 1.19 11.64
C PRO A 332 -3.25 0.76 11.01
N ASN A 333 -4.03 -0.01 11.76
CA ASN A 333 -5.30 -0.47 11.23
C ASN A 333 -6.48 -0.03 12.10
N VAL A 334 -6.26 0.89 13.03
CA VAL A 334 -7.33 1.38 13.91
C VAL A 334 -8.31 2.30 13.18
N PRO A 335 -9.55 2.36 13.59
CA PRO A 335 -10.53 3.19 12.88
C PRO A 335 -10.03 4.58 12.67
N GLU A 336 -9.25 5.13 13.61
CA GLU A 336 -8.74 6.51 13.56
C GLU A 336 -7.73 6.74 12.44
N MET A 337 -7.29 5.73 11.67
CA MET A 337 -6.43 5.97 10.51
C MET A 337 -7.21 6.65 9.40
N ALA A 338 -8.50 6.45 9.36
CA ALA A 338 -9.31 6.92 8.23
C ALA A 338 -9.08 8.39 7.88
N PRO A 339 -9.15 9.35 8.81
CA PRO A 339 -8.91 10.75 8.42
C PRO A 339 -7.45 11.12 8.12
N VAL A 340 -6.47 10.27 8.47
CA VAL A 340 -5.06 10.65 8.34
C VAL A 340 -4.71 10.88 6.88
N TRP A 341 -5.19 10.03 5.98
CA TRP A 341 -4.71 10.11 4.60
C TRP A 341 -5.07 11.44 3.93
N SER A 342 -6.32 11.89 4.13
CA SER A 342 -6.79 13.14 3.54
C SER A 342 -6.07 14.33 4.13
N ALA A 343 -5.96 14.37 5.45
CA ALA A 343 -5.29 15.50 6.09
C ALA A 343 -3.85 15.63 5.64
N MET A 344 -3.11 14.50 5.58
CA MET A 344 -1.72 14.62 5.19
C MET A 344 -1.58 14.89 3.71
N GLY A 345 -2.48 14.38 2.87
CA GLY A 345 -2.44 14.70 1.45
C GLY A 345 -2.63 16.19 1.23
N ASP A 346 -3.58 16.79 1.96
CA ASP A 346 -3.80 18.24 1.85
C ASP A 346 -2.55 19.02 2.28
N ALA A 347 -1.92 18.59 3.39
CA ALA A 347 -0.73 19.26 3.87
C ALA A 347 0.38 19.17 2.83
N LEU A 348 0.50 18.00 2.20
CA LEU A 348 1.59 17.87 1.25
C LEU A 348 1.33 18.75 0.02
N SER A 349 0.08 18.83 -0.42
CA SER A 349 -0.26 19.71 -1.54
C SER A 349 0.10 21.14 -1.23
N ILE A 350 -0.32 21.62 -0.04
CA ILE A 350 0.04 22.97 0.42
C ILE A 350 1.54 23.17 0.41
N ILE A 351 2.31 22.24 1.01
CA ILE A 351 3.75 22.40 1.10
C ILE A 351 4.34 22.56 -0.29
N ILE A 352 4.04 21.60 -1.20
CA ILE A 352 4.75 21.60 -2.49
C ILE A 352 4.32 22.78 -3.37
N ASN A 353 3.17 23.37 -3.10
CA ASN A 353 2.70 24.53 -3.85
C ASN A 353 3.09 25.84 -3.19
N GLY A 354 3.94 25.80 -2.16
CA GLY A 354 4.37 27.01 -1.48
C GLY A 354 3.27 27.85 -0.86
N GLN A 355 2.19 27.25 -0.43
CA GLN A 355 1.08 27.98 0.18
C GLN A 355 1.22 28.09 1.68
N ALA A 356 2.22 27.47 2.27
CA ALA A 356 2.45 27.64 3.70
C ALA A 356 3.77 26.99 4.03
N SER A 357 4.35 27.36 5.16
CA SER A 357 5.58 26.74 5.56
C SER A 357 5.32 25.28 5.90
N VAL A 358 6.39 24.49 5.97
CA VAL A 358 6.28 23.07 6.31
C VAL A 358 5.72 22.94 7.71
N GLU A 359 6.26 23.74 8.65
CA GLU A 359 5.85 23.62 10.05
C GLU A 359 4.37 23.93 10.21
N ASP A 360 3.89 24.95 9.50
CA ASP A 360 2.51 25.34 9.61
C ASP A 360 1.59 24.31 8.99
N ALA A 361 1.97 23.79 7.82
CA ALA A 361 1.09 22.87 7.13
C ALA A 361 0.92 21.58 7.91
N LEU A 362 2.00 21.10 8.53
CA LEU A 362 1.92 19.86 9.32
C LEU A 362 1.17 20.07 10.63
N LYS A 363 1.29 21.25 11.25
CA LYS A 363 0.54 21.47 12.49
C LYS A 363 -0.93 21.54 12.19
N GLU A 364 -1.29 22.19 11.09
CA GLU A 364 -2.69 22.24 10.70
C GLU A 364 -3.23 20.83 10.44
N ALA A 365 -2.44 20.00 9.73
CA ALA A 365 -2.85 18.62 9.47
C ALA A 365 -3.17 17.87 10.75
N VAL A 366 -2.32 18.01 11.76
CA VAL A 366 -2.50 17.26 13.00
C VAL A 366 -3.72 17.75 13.75
N GLU A 367 -3.88 19.07 13.86
CA GLU A 367 -5.12 19.62 14.39
C GLU A 367 -6.35 19.10 13.64
N LYS A 368 -6.30 18.99 12.31
CA LYS A 368 -7.48 18.51 11.61
C LYS A 368 -7.71 17.03 11.95
N ILE A 369 -6.64 16.23 12.06
CA ILE A 369 -6.85 14.83 12.37
C ILE A 369 -7.47 14.68 13.75
N LYS A 370 -6.92 15.41 14.74
CA LYS A 370 -7.48 15.40 16.10
C LYS A 370 -8.95 15.77 16.10
N ALA A 371 -9.31 16.82 15.37
CA ALA A 371 -10.70 17.26 15.32
C ALA A 371 -11.61 16.19 14.76
N GLN A 372 -11.13 15.43 13.77
CA GLN A 372 -11.94 14.38 13.16
C GLN A 372 -12.11 13.19 14.08
N ILE A 373 -11.06 12.84 14.83
CA ILE A 373 -11.13 11.78 15.81
C ILE A 373 -12.09 12.18 16.91
N GLU A 374 -11.98 13.43 17.41
CA GLU A 374 -12.86 13.88 18.47
C GLU A 374 -14.30 13.88 18.02
N LYS A 375 -14.56 14.33 16.78
CA LYS A 375 -15.92 14.28 16.24
C LYS A 375 -16.41 12.86 15.91
N GLY A 376 -15.61 11.81 16.08
CA GLY A 376 -16.03 10.48 15.65
C GLY A 376 -16.28 10.31 14.17
N SER A 377 -15.46 10.94 13.31
CA SER A 377 -15.69 10.88 11.86
C SER A 377 -15.63 9.45 11.30
N HIS A 378 -14.93 8.55 12.00
CA HIS A 378 -14.80 7.16 11.57
C HIS A 378 -16.04 6.30 11.86
N HIS A 379 -17.09 6.86 12.48
CA HIS A 379 -18.38 6.14 12.63
C HIS A 379 -19.39 6.61 11.56
N HIS A 380 -20.01 5.64 10.88
CA HIS A 380 -20.88 5.93 9.71
C HIS A 380 -22.32 5.48 9.94
C1 GLC B . -3.55 -1.29 -7.75
C2 GLC B . -3.06 -2.16 -6.61
C3 GLC B . -3.15 -1.46 -5.29
C4 GLC B . -2.30 -0.24 -5.28
C5 GLC B . -2.84 0.72 -6.33
C6 GLC B . -1.92 1.96 -6.47
O1 GLC B . -4.81 -1.08 -7.62
O2 GLC B . -3.86 -3.33 -6.59
O3 GLC B . -2.65 -2.42 -4.28
O4 GLC B . -2.40 0.45 -4.00
O5 GLC B . -2.71 -0.05 -7.59
O6 GLC B . -2.61 2.83 -7.43
H1 GLC B . -3.47 -1.71 -8.76
H2 GLC B . -2.03 -2.47 -6.77
H3 GLC B . -4.16 -1.16 -5.04
H4 GLC B . -1.26 -0.51 -5.43
H5 GLC B . -3.84 1.09 -6.09
H61 GLC B . -0.94 1.68 -6.86
H62 GLC B . -1.80 2.47 -5.51
HO1 GLC B . -5.18 -0.83 -8.47
DO1 GLC B . -5.20 -0.88 -8.48
HO2 GLC B . -4.49 -3.27 -7.25
HO3 GLC B . -1.95 -2.03 -3.80
HO6 GLC B . -3.54 2.73 -7.33
DO6 GLC B . -3.54 2.68 -7.37
DO42 GLC B . -4.50 -3.27 -7.26
DO43 GLC B . -1.99 -2.02 -3.76
C1 GLC B . -1.24 0.76 -3.41
C2 GLC B . -1.13 0.10 -2.04
C3 GLC B . -2.22 0.69 -1.16
C4 GLC B . -2.13 2.23 -1.02
C5 GLC B . -2.17 2.80 -2.47
C6 GLC B . -1.71 4.23 -2.43
O2 GLC B . -1.37 -1.30 -2.18
O3 GLC B . -2.04 0.18 0.23
O4 GLC B . -3.28 2.71 -0.30
O5 GLC B . -1.08 2.19 -3.25
O6 GLC B . -2.19 5.01 -3.61
H1 GLC B . -0.47 0.39 -4.07
H2 GLC B . -0.13 0.24 -1.62
H3 GLC B . -3.15 0.39 -1.58
H4 GLC B . -1.22 2.54 -0.47
H5 GLC B . -3.17 2.67 -2.88
H61 GLC B . -0.63 4.25 -2.41
H62 GLC B . -2.09 4.69 -1.53
HO2 GLC B . -0.65 -1.78 -1.79
HO3 GLC B . -2.89 0.11 0.65
DO3 GLC B . -2.87 0.21 0.68
HO6 GLC B . -3.13 5.08 -3.58
DO32 GLC B . -0.62 -1.79 -1.85
DO36 GLC B . -3.12 5.12 -3.55
C1 GLC B . -2.95 3.28 0.97
C2 GLC B . -4.01 2.83 1.91
C3 GLC B . -5.32 3.35 1.47
C4 GLC B . -5.32 4.87 1.41
C5 GLC B . -4.22 5.33 0.48
C6 GLC B . -3.98 6.80 0.49
O2 GLC B . -4.02 1.35 1.91
O3 GLC B . -6.37 2.94 2.44
O4 GLC B . -6.61 5.28 0.88
O5 GLC B . -2.96 4.73 0.98
O6 GLC B . -3.34 7.17 -0.73
H1 GLC B . -1.94 2.93 1.19
H2 GLC B . -3.83 3.17 2.92
H3 GLC B . -5.56 2.93 0.49
H4 GLC B . -5.18 5.32 2.41
H5 GLC B . -4.52 5.02 -0.51
H61 GLC B . -3.35 7.06 1.32
H62 GLC B . -4.93 7.32 0.57
HO2 GLC B . -3.89 1.03 2.78
HO3 GLC B . -6.05 3.07 3.33
HO6 GLC B . -3.89 7.82 -1.19
DO22 GLC B . -4.04 1.02 2.79
DO23 GLC B . -6.03 3.00 3.33
DO26 GLC B . -3.86 7.87 -1.16
C1 GLC B . -7.51 5.78 1.83
C2 GLC B . -8.89 5.38 1.52
C3 GLC B . -9.37 5.89 0.21
C4 GLC B . -9.26 7.37 0.20
C5 GLC B . -7.80 7.84 0.45
C6 GLC B . -7.61 9.27 0.60
O2 GLC B . -9.00 3.95 1.50
O3 GLC B . -10.73 5.39 -0.09
O4 GLC B . -9.69 7.80 -1.08
O5 GLC B . -7.44 7.21 1.80
O6 GLC B . -8.48 9.69 1.67
H1 GLC B . -7.21 5.38 2.78
H2 GLC B . -9.54 5.76 2.32
H3 GLC B . -8.78 5.50 -0.60
H4 GLC B . -9.89 7.82 0.97
H5 GLC B . -7.19 7.52 -0.39
H61 GLC B . -7.88 9.78 -0.33
H62 GLC B . -6.57 9.49 0.84
HO2 GLC B . -8.24 3.58 1.07
DO2 GLC B . -8.19 3.57 1.15
HO3 GLC B . -10.86 4.54 0.34
DO3 GLC B . -10.84 4.52 0.30
HO4 GLC B . -9.85 8.73 -1.06
DO4 GLC B . -9.89 8.72 -1.06
HO6 GLC B . -9.36 9.67 1.38
DO6 GLC B . -9.36 9.63 1.40
#